data_6WC8
#
_entry.id   6WC8
#
_cell.length_a   46.231
_cell.length_b   46.231
_cell.length_c   139.328
_cell.angle_alpha   90.00
_cell.angle_beta   90.00
_cell.angle_gamma   90.00
#
_symmetry.space_group_name_H-M   'P 43 21 2'
#
loop_
_entity.id
_entity.type
_entity.pdbx_description
1 polymer Integrase
2 non-polymer '{5-(3-fluorophenyl)-2-[(thiophen-2-yl)ethynyl]-1-benzofuran-3-yl}acetic acid'
3 non-polymer 'IODIDE ION'
4 non-polymer 'SULFATE ION'
5 water water
#
_entity_poly.entity_id   1
_entity_poly.type   'polypeptide(L)'
_entity_poly.pdbx_seq_one_letter_code
;GSMHGEVDCSPGIWQLDCTHLEGKVILVAVHVASGYIEAEVIPAETGQETAYFLLKLAGRWPVKTVHTDNGSNFTSTTVK
AACEWAGIKQEFGIPYNPQSQGVIESMNKELKKIIGQVRDQAEHLKTAVQMAVFIHNKKRKGGIGGYSAGERIVDIIATD
IETKE
;
_entity_poly.pdbx_strand_id   A
#
loop_
_chem_comp.id
_chem_comp.type
_chem_comp.name
_chem_comp.formula
IOD non-polymer 'IODIDE ION' 'I -1'
SO4 non-polymer 'SULFATE ION' 'O4 S -2'
TQM non-polymer '{5-(3-fluorophenyl)-2-[(thiophen-2-yl)ethynyl]-1-benzofuran-3-yl}acetic acid' 'C22 H13 F O3 S'
#
# COMPACT_ATOMS: atom_id res chain seq x y z
N SER A 10 14.05 -9.00 1.96
CA SER A 10 12.56 -9.21 1.79
C SER A 10 11.71 -8.64 2.93
N PRO A 11 12.25 -8.36 4.16
CA PRO A 11 11.46 -7.61 5.14
C PRO A 11 11.04 -6.24 4.61
N GLY A 12 11.89 -5.62 3.76
CA GLY A 12 11.78 -4.23 3.27
C GLY A 12 11.23 -4.12 1.85
N ILE A 13 10.78 -5.23 1.24
CA ILE A 13 10.32 -5.14 -0.19
C ILE A 13 8.80 -4.91 -0.25
N TRP A 14 8.38 -3.83 -0.90
CA TRP A 14 6.98 -3.45 -1.15
C TRP A 14 6.73 -3.33 -2.64
N GLN A 15 5.47 -3.51 -3.00
CA GLN A 15 4.90 -3.16 -4.32
C GLN A 15 3.96 -1.98 -4.12
N LEU A 16 3.97 -1.01 -5.03
CA LEU A 16 3.03 0.13 -4.96
C LEU A 16 2.16 0.09 -6.21
N ASP A 17 0.84 0.08 -6.06
CA ASP A 17 -0.12 0.07 -7.20
C ASP A 17 -1.20 1.14 -6.99
N CYS A 18 -2.00 1.36 -8.02
CA CYS A 18 -3.15 2.29 -8.06
C CYS A 18 -4.38 1.45 -8.39
N THR A 19 -5.48 1.61 -7.68
CA THR A 19 -6.78 1.15 -8.24
C THR A 19 -7.77 2.30 -8.17
N HIS A 20 -8.91 2.13 -8.83
CA HIS A 20 -9.85 3.26 -9.08
C HIS A 20 -11.22 2.76 -8.67
N LEU A 21 -11.97 3.57 -7.94
CA LEU A 21 -13.39 3.38 -7.56
C LEU A 21 -14.00 4.77 -7.52
N GLU A 22 -15.20 4.96 -8.10
CA GLU A 22 -16.02 6.18 -7.97
C GLU A 22 -15.21 7.40 -8.35
N GLY A 23 -14.38 7.25 -9.39
CA GLY A 23 -13.60 8.34 -9.97
C GLY A 23 -12.60 8.89 -8.98
N LYS A 24 -12.20 8.10 -7.99
CA LYS A 24 -11.09 8.47 -7.10
C LYS A 24 -10.00 7.42 -7.28
N VAL A 25 -8.80 7.76 -6.85
CA VAL A 25 -7.61 6.89 -6.99
C VAL A 25 -7.33 6.34 -5.59
N ILE A 26 -7.10 5.04 -5.49
CA ILE A 26 -6.65 4.39 -4.23
C ILE A 26 -5.21 3.91 -4.48
N LEU A 27 -4.30 4.44 -3.67
CA LEU A 27 -2.87 4.09 -3.60
C LEU A 27 -2.80 2.84 -2.73
N VAL A 28 -2.23 1.74 -3.22
CA VAL A 28 -2.09 0.47 -2.46
C VAL A 28 -0.62 0.07 -2.34
N ALA A 29 -0.08 -0.06 -1.12
CA ALA A 29 1.23 -0.65 -0.81
C ALA A 29 1.07 -2.07 -0.26
N VAL A 30 1.68 -3.06 -0.92
N VAL A 30 1.76 -3.00 -0.90
CA VAL A 30 1.66 -4.44 -0.39
CA VAL A 30 1.75 -4.42 -0.48
C VAL A 30 3.07 -4.91 -0.03
C VAL A 30 3.14 -4.75 0.04
N HIS A 31 3.21 -5.37 1.21
CA HIS A 31 4.45 -5.98 1.74
C HIS A 31 4.50 -7.38 1.14
N VAL A 32 5.39 -7.55 0.18
CA VAL A 32 5.28 -8.70 -0.74
C VAL A 32 5.39 -9.99 0.09
N ALA A 33 6.23 -10.08 1.12
CA ALA A 33 6.47 -11.36 1.82
C ALA A 33 5.29 -11.72 2.76
N SER A 34 4.53 -10.75 3.26
CA SER A 34 3.36 -11.01 4.14
C SER A 34 2.00 -10.96 3.43
N GLY A 35 1.82 -10.06 2.48
CA GLY A 35 0.49 -9.77 1.95
C GLY A 35 -0.23 -8.65 2.72
N TYR A 36 0.43 -8.09 3.73
CA TYR A 36 0.05 -6.86 4.43
C TYR A 36 -0.12 -5.70 3.46
N ILE A 37 -1.21 -4.97 3.66
CA ILE A 37 -1.52 -3.82 2.76
C ILE A 37 -1.76 -2.56 3.56
N GLU A 38 -1.40 -1.45 2.99
CA GLU A 38 -1.83 -0.10 3.39
C GLU A 38 -2.44 0.53 2.14
N ALA A 39 -3.48 1.36 2.31
CA ALA A 39 -4.11 2.10 1.20
C ALA A 39 -4.51 3.52 1.63
N GLU A 40 -4.63 4.42 0.66
CA GLU A 40 -5.15 5.79 0.83
C GLU A 40 -5.91 6.16 -0.44
N VAL A 41 -7.01 6.88 -0.24
CA VAL A 41 -7.80 7.51 -1.31
C VAL A 41 -7.10 8.81 -1.52
N ILE A 42 -6.85 9.17 -2.76
CA ILE A 42 -6.32 10.53 -3.03
C ILE A 42 -7.21 11.19 -4.06
N PRO A 43 -7.43 12.51 -3.92
CA PRO A 43 -7.89 13.32 -5.04
C PRO A 43 -6.66 13.45 -5.94
N ALA A 44 -6.82 13.01 -7.19
CA ALA A 44 -5.80 13.11 -8.28
C ALA A 44 -4.52 12.37 -7.83
N GLU A 45 -3.79 11.77 -8.79
CA GLU A 45 -2.65 10.84 -8.53
C GLU A 45 -1.33 11.62 -8.46
N THR A 46 -1.33 12.95 -8.23
CA THR A 46 -0.13 13.83 -8.42
C THR A 46 1.07 13.27 -7.63
N GLY A 47 2.27 13.48 -8.18
CA GLY A 47 3.55 13.09 -7.56
C GLY A 47 3.58 13.34 -6.05
N GLN A 48 2.99 14.45 -5.58
CA GLN A 48 3.14 14.92 -4.17
C GLN A 48 2.35 13.99 -3.23
N GLU A 49 1.28 13.40 -3.75
CA GLU A 49 0.42 12.45 -3.00
C GLU A 49 1.18 11.16 -2.65
N THR A 50 1.72 10.47 -3.66
CA THR A 50 2.56 9.25 -3.55
C THR A 50 3.73 9.53 -2.61
N ALA A 51 4.30 10.73 -2.65
CA ALA A 51 5.50 11.04 -1.88
C ALA A 51 5.12 11.03 -0.40
N TYR A 52 3.94 11.58 -0.05
CA TYR A 52 3.45 11.74 1.35
C TYR A 52 3.14 10.33 1.90
N PHE A 53 2.53 9.54 1.05
CA PHE A 53 2.13 8.14 1.40
C PHE A 53 3.38 7.32 1.67
N LEU A 54 4.41 7.49 0.82
CA LEU A 54 5.64 6.69 0.93
C LEU A 54 6.37 7.09 2.20
N LEU A 55 6.51 8.38 2.45
CA LEU A 55 7.13 8.89 3.68
C LEU A 55 6.39 8.40 4.93
N LYS A 56 5.06 8.31 4.91
CA LYS A 56 4.29 7.80 6.08
C LYS A 56 4.60 6.32 6.25
N LEU A 57 4.66 5.55 5.17
CA LEU A 57 4.88 4.08 5.19
C LEU A 57 6.27 3.78 5.73
N ALA A 58 7.30 4.44 5.18
CA ALA A 58 8.67 4.31 5.68
C ALA A 58 8.86 4.79 7.13
N GLY A 59 8.04 5.68 7.69
CA GLY A 59 8.19 6.02 9.13
C GLY A 59 7.68 4.90 10.04
N ARG A 60 6.84 4.05 9.47
CA ARG A 60 6.05 3.03 10.19
C ARG A 60 6.77 1.67 10.05
N TRP A 61 7.32 1.32 8.90
CA TRP A 61 7.89 -0.01 8.60
C TRP A 61 9.27 0.13 7.98
N PRO A 62 10.01 -0.98 7.83
CA PRO A 62 11.21 -1.01 7.01
C PRO A 62 10.74 -0.91 5.55
N VAL A 63 11.15 0.17 4.86
CA VAL A 63 10.86 0.32 3.41
C VAL A 63 12.21 0.58 2.73
N LYS A 64 12.75 -0.48 2.11
CA LYS A 64 14.06 -0.52 1.40
C LYS A 64 13.87 -0.43 -0.10
N THR A 65 12.90 -1.17 -0.68
CA THR A 65 12.64 -1.19 -2.12
C THR A 65 11.15 -1.12 -2.33
N VAL A 66 10.75 -0.22 -3.21
CA VAL A 66 9.39 -0.09 -3.78
C VAL A 66 9.35 -0.38 -5.28
N HIS A 67 8.65 -1.44 -5.67
CA HIS A 67 8.48 -1.82 -7.08
C HIS A 67 7.21 -1.18 -7.56
N THR A 68 7.22 -0.64 -8.75
CA THR A 68 6.05 -0.20 -9.50
C THR A 68 6.15 -0.83 -10.88
N ASP A 69 5.00 -0.98 -11.48
CA ASP A 69 4.69 -1.75 -12.69
C ASP A 69 4.61 -0.77 -13.86
N ASN A 70 4.78 0.55 -13.65
CA ASN A 70 4.77 1.48 -14.80
C ASN A 70 5.82 2.60 -14.62
N GLY A 71 5.71 3.68 -15.38
CA GLY A 71 6.74 4.72 -15.48
C GLY A 71 6.40 5.94 -14.64
N SER A 72 5.16 6.06 -14.15
CA SER A 72 4.64 7.34 -13.59
C SER A 72 5.48 7.85 -12.42
N ASN A 73 5.95 6.92 -11.63
CA ASN A 73 6.65 7.16 -10.35
C ASN A 73 8.12 7.49 -10.60
N PHE A 74 8.64 7.24 -11.81
CA PHE A 74 10.01 7.69 -12.19
C PHE A 74 9.99 9.13 -12.69
N THR A 75 8.82 9.75 -12.83
CA THR A 75 8.71 11.10 -13.44
C THR A 75 8.33 12.16 -12.40
N SER A 76 8.34 11.87 -11.10
CA SER A 76 7.94 12.81 -10.03
C SER A 76 9.19 13.20 -9.26
N THR A 77 9.53 14.48 -9.20
CA THR A 77 10.76 14.92 -8.50
C THR A 77 10.54 14.77 -6.98
N THR A 78 9.31 14.93 -6.48
CA THR A 78 8.94 14.80 -5.04
C THR A 78 8.95 13.33 -4.58
N VAL A 79 8.49 12.39 -5.41
CA VAL A 79 8.65 10.94 -5.11
C VAL A 79 10.16 10.66 -5.05
N LYS A 80 10.92 11.17 -6.01
CA LYS A 80 12.38 10.94 -6.04
C LYS A 80 13.01 11.54 -4.75
N ALA A 81 12.65 12.78 -4.38
CA ALA A 81 13.13 13.50 -3.17
C ALA A 81 12.69 12.76 -1.90
N ALA A 82 11.44 12.30 -1.85
CA ALA A 82 10.95 11.52 -0.69
C ALA A 82 11.80 10.25 -0.54
N CYS A 83 12.04 9.56 -1.66
CA CYS A 83 12.74 8.24 -1.68
C CYS A 83 14.20 8.41 -1.26
N GLU A 84 14.82 9.49 -1.66
CA GLU A 84 16.21 9.83 -1.32
C GLU A 84 16.26 10.05 0.19
N TRP A 85 15.39 10.94 0.63
CA TRP A 85 15.43 11.35 2.08
C TRP A 85 15.30 10.11 2.97
N ALA A 86 14.39 9.17 2.63
CA ALA A 86 13.96 8.07 3.51
C ALA A 86 14.83 6.85 3.23
N GLY A 87 15.72 6.93 2.23
CA GLY A 87 16.52 5.75 1.86
C GLY A 87 15.76 4.63 1.19
N ILE A 88 14.85 4.95 0.27
CA ILE A 88 14.02 4.01 -0.57
C ILE A 88 14.58 3.91 -1.99
N LYS A 89 14.94 2.69 -2.40
CA LYS A 89 15.23 2.33 -3.82
C LYS A 89 13.91 2.12 -4.54
N GLN A 90 13.66 2.86 -5.63
CA GLN A 90 12.55 2.55 -6.56
C GLN A 90 12.99 1.50 -7.56
N GLU A 91 12.19 0.48 -7.78
CA GLU A 91 12.46 -0.55 -8.81
C GLU A 91 11.25 -0.67 -9.75
N PHE A 92 11.55 -0.93 -11.01
CA PHE A 92 10.55 -1.15 -12.10
C PHE A 92 10.32 -2.68 -12.21
N GLY A 93 9.09 -3.18 -12.18
CA GLY A 93 8.76 -4.64 -12.24
C GLY A 93 8.93 -5.38 -10.90
N ILE A 94 8.12 -6.41 -10.60
CA ILE A 94 8.51 -7.60 -9.74
C ILE A 94 7.76 -8.83 -10.26
N GLU A 105 -2.05 -6.22 -7.99
CA GLU A 105 -2.02 -7.68 -8.25
C GLU A 105 -3.47 -8.19 -8.30
N SER A 106 -3.77 -9.34 -7.68
CA SER A 106 -5.15 -9.83 -7.37
C SER A 106 -5.56 -9.37 -5.97
N MET A 107 -4.62 -8.80 -5.22
CA MET A 107 -4.90 -7.97 -4.00
C MET A 107 -6.00 -6.96 -4.34
N ASN A 108 -5.88 -6.22 -5.46
CA ASN A 108 -6.82 -5.13 -5.86
C ASN A 108 -8.23 -5.70 -5.99
N LYS A 109 -8.40 -6.95 -6.46
CA LYS A 109 -9.74 -7.63 -6.56
C LYS A 109 -10.30 -7.94 -5.16
N GLU A 110 -9.50 -8.53 -4.27
CA GLU A 110 -9.97 -8.89 -2.89
C GLU A 110 -10.48 -7.60 -2.23
N LEU A 111 -9.71 -6.52 -2.33
CA LEU A 111 -9.99 -5.23 -1.68
C LEU A 111 -11.37 -4.72 -2.16
N LYS A 112 -11.69 -4.86 -3.46
CA LYS A 112 -12.93 -4.28 -4.04
C LYS A 112 -14.12 -5.13 -3.62
N LYS A 113 -13.91 -6.44 -3.48
CA LYS A 113 -14.88 -7.36 -2.87
C LYS A 113 -15.23 -6.83 -1.47
N ILE A 114 -14.22 -6.64 -0.59
CA ILE A 114 -14.52 -6.24 0.82
C ILE A 114 -15.13 -4.82 0.83
N ILE A 115 -14.61 -3.90 0.01
CA ILE A 115 -15.12 -2.50 -0.07
C ILE A 115 -16.60 -2.52 -0.45
N GLY A 116 -17.01 -3.44 -1.34
CA GLY A 116 -18.40 -3.60 -1.80
C GLY A 116 -19.34 -4.00 -0.66
N GLN A 117 -18.91 -4.96 0.15
CA GLN A 117 -19.66 -5.48 1.33
C GLN A 117 -19.92 -4.36 2.36
N VAL A 118 -19.06 -3.33 2.45
CA VAL A 118 -19.10 -2.31 3.55
C VAL A 118 -19.55 -0.95 3.00
N ARG A 119 -19.73 -0.83 1.69
CA ARG A 119 -19.85 0.51 1.03
C ARG A 119 -21.02 1.33 1.61
N ASP A 120 -22.15 0.69 1.86
CA ASP A 120 -23.35 1.34 2.48
C ASP A 120 -23.12 1.59 3.98
N GLN A 121 -22.26 0.80 4.64
CA GLN A 121 -21.97 0.88 6.10
C GLN A 121 -21.32 2.22 6.51
N ALA A 122 -21.07 3.16 5.58
CA ALA A 122 -20.36 4.43 5.86
C ALA A 122 -20.43 5.36 4.66
N GLU A 123 -20.19 6.64 4.89
CA GLU A 123 -20.42 7.72 3.89
C GLU A 123 -19.26 7.76 2.89
N HIS A 124 -18.06 8.14 3.33
CA HIS A 124 -16.90 8.41 2.43
C HIS A 124 -16.35 7.10 1.90
N LEU A 125 -16.03 7.08 0.62
CA LEU A 125 -15.28 5.93 0.02
C LEU A 125 -14.08 5.55 0.89
N LYS A 126 -13.36 6.54 1.41
CA LYS A 126 -12.07 6.35 2.14
C LYS A 126 -12.26 5.53 3.42
N THR A 127 -13.40 5.68 4.12
CA THR A 127 -13.73 4.89 5.31
C THR A 127 -13.95 3.43 4.93
N ALA A 128 -14.66 3.20 3.83
CA ALA A 128 -14.88 1.87 3.29
C ALA A 128 -13.53 1.27 2.93
N VAL A 129 -12.71 2.04 2.22
CA VAL A 129 -11.34 1.55 1.89
C VAL A 129 -10.63 1.10 3.17
N GLN A 130 -10.58 1.89 4.22
CA GLN A 130 -9.86 1.51 5.47
C GLN A 130 -10.52 0.32 6.18
N MET A 131 -11.85 0.18 6.15
CA MET A 131 -12.47 -0.99 6.81
C MET A 131 -11.98 -2.20 6.02
N ALA A 132 -11.91 -2.06 4.70
CA ALA A 132 -11.49 -3.17 3.80
C ALA A 132 -10.01 -3.57 4.04
N VAL A 133 -9.14 -2.60 4.24
CA VAL A 133 -7.71 -2.84 4.59
C VAL A 133 -7.67 -3.61 5.92
N PHE A 134 -8.47 -3.12 6.91
CA PHE A 134 -8.53 -3.73 8.25
C PHE A 134 -8.88 -5.22 8.09
N ILE A 135 -9.97 -5.53 7.39
CA ILE A 135 -10.42 -6.95 7.22
C ILE A 135 -9.32 -7.75 6.52
N HIS A 136 -8.77 -7.21 5.44
CA HIS A 136 -7.68 -7.90 4.70
C HIS A 136 -6.52 -8.26 5.63
N ASN A 137 -6.04 -7.31 6.42
CA ASN A 137 -4.87 -7.46 7.32
C ASN A 137 -5.12 -8.39 8.52
N LYS A 138 -6.37 -8.43 9.05
CA LYS A 138 -6.67 -9.15 10.32
C LYS A 138 -7.20 -10.59 10.09
N LYS A 139 -7.88 -10.87 9.00
CA LYS A 139 -8.38 -12.20 8.59
C LYS A 139 -7.21 -13.17 8.46
N ARG A 140 -7.55 -14.46 8.58
CA ARG A 140 -6.68 -15.56 8.12
C ARG A 140 -6.54 -15.55 6.61
N GLY A 145 -7.44 -21.22 10.60
CA GLY A 145 -6.49 -20.66 11.57
C GLY A 145 -5.01 -20.84 11.19
N GLY A 146 -4.43 -19.91 10.43
CA GLY A 146 -2.97 -19.67 10.36
C GLY A 146 -2.60 -18.28 10.85
N TYR A 147 -1.84 -17.50 10.09
CA TYR A 147 -1.50 -16.11 10.51
C TYR A 147 -2.24 -15.17 9.59
N SER A 148 -2.55 -14.00 10.11
CA SER A 148 -3.10 -12.93 9.25
C SER A 148 -1.90 -12.23 8.58
N ALA A 149 -2.19 -11.45 7.56
CA ALA A 149 -1.14 -10.62 6.93
C ALA A 149 -0.52 -9.68 7.98
N GLY A 150 -1.30 -9.22 8.98
CA GLY A 150 -0.82 -8.28 9.99
C GLY A 150 0.17 -8.90 10.98
N GLU A 151 -0.04 -10.15 11.36
CA GLU A 151 0.82 -10.92 12.28
C GLU A 151 2.06 -11.30 11.44
N ARG A 152 1.85 -11.75 10.20
CA ARG A 152 2.95 -12.13 9.25
C ARG A 152 3.99 -11.02 9.12
N ILE A 153 3.56 -9.77 8.86
CA ILE A 153 4.54 -8.66 8.69
C ILE A 153 5.32 -8.47 10.01
N VAL A 154 4.63 -8.49 11.15
CA VAL A 154 5.30 -8.32 12.46
C VAL A 154 6.23 -9.53 12.67
N ASP A 155 5.76 -10.75 12.42
CA ASP A 155 6.64 -11.93 12.51
C ASP A 155 7.86 -11.79 11.56
N ILE A 156 7.70 -11.47 10.29
CA ILE A 156 8.91 -11.32 9.42
C ILE A 156 9.89 -10.31 10.01
N ILE A 157 9.44 -9.10 10.39
CA ILE A 157 10.36 -8.02 10.83
C ILE A 157 10.94 -8.40 12.21
N ALA A 158 10.14 -8.99 13.11
CA ALA A 158 10.65 -9.43 14.44
C ALA A 158 11.75 -10.45 14.20
N THR A 159 11.39 -11.61 13.60
CA THR A 159 12.29 -12.70 13.16
C THR A 159 13.56 -12.15 12.51
N ASP A 160 13.50 -10.94 11.92
CA ASP A 160 14.64 -10.34 11.19
C ASP A 160 15.55 -9.53 12.13
N ILE A 161 14.95 -8.73 13.02
CA ILE A 161 15.59 -7.74 13.95
C ILE A 161 16.74 -8.39 14.74
C13 TQM B . 6.71 16.02 -0.04
C15 TQM B . 10.86 16.71 -0.56
C16 TQM B . 12.21 17.07 -0.49
C17 TQM B . 12.99 16.46 0.47
C18 TQM B . 12.37 15.55 1.34
C21 TQM B . 3.01 16.15 -0.27
C22 TQM B . 1.85 16.25 -0.37
C23 TQM B . 0.35 16.40 -0.46
C24 TQM B . -0.58 15.40 -0.72
O01 TQM B . 5.66 19.21 1.15
C02 TQM B . 6.13 19.10 0.00
O03 TQM B . 7.09 19.86 -0.23
C04 TQM B . 5.65 18.13 -1.10
C05 TQM B . 5.58 16.73 -0.47
C06 TQM B . 4.48 15.91 -0.11
O07 TQM B . 4.93 14.80 0.50
C08 TQM B . 6.28 14.83 0.55
C09 TQM B . 7.21 13.90 1.05
C10 TQM B . 8.57 14.22 0.94
C11 TQM B . 8.97 15.39 0.35
C12 TQM B . 8.07 16.31 -0.15
C14 TQM B . 10.28 15.75 0.31
C19 TQM B . 11.02 15.19 1.31
F20 TQM B . 13.03 14.91 2.36
C25 TQM B . -1.90 15.85 -0.78
C26 TQM B . -2.07 17.22 -0.57
S27 TQM B . -0.50 17.91 -0.28
I IOD C . -13.10 4.96 -11.68
I IOD D . -13.41 9.96 -0.16
I IOD E . -10.00 -14.66 11.67
I IOD F . -10.66 11.79 -1.62
S SO4 G . -2.38 -12.13 1.92
O1 SO4 G . -3.76 -12.49 1.76
O2 SO4 G . -1.71 -13.05 2.81
O3 SO4 G . -1.76 -12.15 0.61
O4 SO4 G . -2.30 -10.83 2.50
S SO4 H . 10.65 13.72 -15.47
O1 SO4 H . 9.39 13.12 -15.80
O2 SO4 H . 10.41 14.98 -14.80
O3 SO4 H . 11.41 12.84 -14.57
O4 SO4 H . 11.41 13.95 -16.68
S SO4 I . -8.14 -0.41 -11.65
O1 SO4 I . -9.11 0.17 -10.76
O2 SO4 I . -7.58 -1.60 -11.04
O3 SO4 I . -7.09 0.55 -11.94
O4 SO4 I . -8.78 -0.77 -12.89
S SO4 J . 6.52 16.17 -9.20
O1 SO4 J . 5.39 15.30 -9.06
O2 SO4 J . 6.16 17.47 -8.72
O3 SO4 J . 7.63 15.68 -8.43
O4 SO4 J . 6.93 16.24 -10.58
#